data_3MRQ
#
_entry.id   3MRQ
#
_cell.length_a   60.874
_cell.length_b   80.044
_cell.length_c   110.571
_cell.angle_alpha   90.000
_cell.angle_beta   90.000
_cell.angle_gamma   90.000
#
_symmetry.space_group_name_H-M   'P 21 21 21'
#
loop_
_entity.id
_entity.type
_entity.pdbx_description
1 polymer 'HLA class I histocompatibility antigen, A-2 alpha chain'
2 polymer Beta-2-microglobulin
3 polymer '10-meric peptide from Melanoma antigen recognized by T-cells 1'
4 water water
#
loop_
_entity_poly.entity_id
_entity_poly.type
_entity_poly.pdbx_seq_one_letter_code
_entity_poly.pdbx_strand_id
1 'polypeptide(L)'
;GSHSMRYFFTSVSRPGRGEPRFIAVGYVDDTQFVRFDSDAASQRMEPRAPWIEQEGPEYWDGETRKVKAHSQTHRVDLGT
LRGYYNQSEAGSHTVQRMYGCDVGSDWRFLRGYHQYAYDGKDYIALKEDLRSWTAADMAAQTTKHKWEAAHVAEQLRAYL
EGTCVEWLRRYLENGKETLQRTDAPKTHMTHHAVSDHEATLRCWALSFYPAEITLTWQRDGEDQTQDTELVETRPAGDGT
FQKWVAVVVPSGQEQRYTCHVQHEGLPKPLTLRWEPGSLHHILDAQKMVWNHR
;
A
2 'polypeptide(L)'
;MIQRTPKIQVYSRHPAENGKSNFLNCYVSGFHPSDIEVDLLKNGERIEKVEHSDLSFSKDWSFYLLYYTEFTPTEKDEYA
CRVNHVTLSQPKIVKWDRDM
;
B
3 'polypeptide(L)' ELAGLGINTV P
#
# COMPACT_ATOMS: atom_id res chain seq x y z
N GLY A 1 6.72 -3.28 -20.51
CA GLY A 1 6.65 -4.26 -19.37
C GLY A 1 5.20 -4.59 -19.04
N SER A 2 5.01 -5.45 -18.05
CA SER A 2 3.66 -5.81 -17.60
C SER A 2 3.06 -4.76 -16.67
N HIS A 3 1.73 -4.66 -16.67
CA HIS A 3 1.04 -3.62 -15.90
C HIS A 3 -0.23 -4.12 -15.24
N SER A 4 -0.71 -3.38 -14.25
CA SER A 4 -1.96 -3.73 -13.59
C SER A 4 -2.80 -2.51 -13.24
N MET A 5 -4.10 -2.72 -13.06
CA MET A 5 -5.00 -1.74 -12.47
C MET A 5 -5.71 -2.40 -11.29
N ARG A 6 -5.76 -1.71 -10.16
CA ARG A 6 -6.38 -2.23 -8.95
C ARG A 6 -7.21 -1.14 -8.32
N TYR A 7 -8.37 -1.53 -7.83
CA TYR A 7 -9.18 -0.69 -6.99
C TYR A 7 -9.29 -1.34 -5.62
N PHE A 8 -9.21 -0.51 -4.59
CA PHE A 8 -9.28 -0.97 -3.19
C PHE A 8 -10.39 -0.22 -2.48
N PHE A 9 -11.17 -0.94 -1.67
CA PHE A 9 -12.33 -0.40 -0.98
C PHE A 9 -12.33 -0.87 0.47
N THR A 10 -12.50 0.07 1.39
CA THR A 10 -12.60 -0.25 2.80
C THR A 10 -13.84 0.46 3.33
N SER A 11 -14.73 -0.31 3.97
CA SER A 11 -15.84 0.25 4.75
C SER A 11 -15.74 -0.12 6.21
N VAL A 12 -15.83 0.88 7.07
CA VAL A 12 -15.80 0.67 8.52
C VAL A 12 -17.10 1.17 9.15
N SER A 13 -17.86 0.25 9.74
CA SER A 13 -19.15 0.60 10.34
C SER A 13 -18.97 1.54 11.54
N ARG A 14 -19.89 2.49 11.67
CA ARG A 14 -19.88 3.47 12.76
C ARG A 14 -21.14 3.29 13.57
N PRO A 15 -21.08 2.40 14.58
CA PRO A 15 -22.24 2.09 15.38
C PRO A 15 -22.67 3.32 16.18
N GLY A 16 -23.96 3.48 16.42
CA GLY A 16 -24.39 4.58 17.25
C GLY A 16 -24.89 5.77 16.46
N ARG A 17 -24.32 6.00 15.26
CA ARG A 17 -24.84 7.01 14.35
C ARG A 17 -24.22 7.03 12.95
N GLY A 18 -25.09 6.92 11.95
CA GLY A 18 -24.72 7.15 10.56
C GLY A 18 -24.29 5.96 9.73
N GLU A 19 -23.85 6.27 8.52
CA GLU A 19 -23.36 5.30 7.55
C GLU A 19 -21.88 5.03 7.81
N PRO A 20 -21.36 3.90 7.29
CA PRO A 20 -19.94 3.59 7.45
C PRO A 20 -19.01 4.64 6.86
N ARG A 21 -17.81 4.75 7.41
CA ARG A 21 -16.71 5.42 6.74
C ARG A 21 -16.31 4.54 5.55
N PHE A 22 -16.23 5.15 4.37
CA PHE A 22 -15.92 4.44 3.13
C PHE A 22 -14.77 5.15 2.44
N ILE A 23 -13.75 4.37 2.04
CA ILE A 23 -12.58 4.88 1.33
C ILE A 23 -12.26 3.96 0.15
N ALA A 24 -12.14 4.56 -1.03
CA ALA A 24 -11.86 3.87 -2.29
C ALA A 24 -10.66 4.53 -2.97
N VAL A 25 -9.67 3.72 -3.35
CA VAL A 25 -8.49 4.20 -4.09
C VAL A 25 -8.28 3.32 -5.33
N GLY A 26 -7.88 3.96 -6.44
CA GLY A 26 -7.57 3.25 -7.68
C GLY A 26 -6.11 3.46 -8.06
N TYR A 27 -5.47 2.40 -8.56
CA TYR A 27 -4.04 2.37 -8.88
C TYR A 27 -3.80 1.84 -10.27
N VAL A 28 -2.85 2.46 -10.96
CA VAL A 28 -2.24 1.82 -12.13
C VAL A 28 -0.84 1.48 -11.67
N ASP A 29 -0.49 0.19 -11.73
CA ASP A 29 0.79 -0.27 -11.17
C ASP A 29 0.89 0.27 -9.74
N ASP A 30 1.96 1.01 -9.44
CA ASP A 30 2.11 1.60 -8.09
C ASP A 30 1.71 3.09 -8.03
N THR A 31 0.89 3.54 -8.97
CA THR A 31 0.49 4.95 -9.02
C THR A 31 -0.99 5.06 -8.68
N GLN A 32 -1.31 5.73 -7.58
CA GLN A 32 -2.70 6.07 -7.26
C GLN A 32 -3.19 7.15 -8.21
N PHE A 33 -4.34 6.93 -8.85
CA PHE A 33 -4.88 7.89 -9.82
C PHE A 33 -6.23 8.48 -9.44
N VAL A 34 -7.00 7.78 -8.61
CA VAL A 34 -8.28 8.28 -8.13
C VAL A 34 -8.53 7.93 -6.68
N ARG A 35 -9.39 8.71 -6.04
CA ARG A 35 -9.87 8.42 -4.68
C ARG A 35 -11.32 8.86 -4.40
N PHE A 36 -11.96 8.15 -3.49
CA PHE A 36 -13.19 8.63 -2.87
C PHE A 36 -13.10 8.46 -1.33
N ASP A 37 -13.49 9.49 -0.59
CA ASP A 37 -13.62 9.40 0.85
C ASP A 37 -14.99 9.95 1.24
N SER A 38 -15.81 9.09 1.85
CA SER A 38 -17.15 9.50 2.30
C SER A 38 -17.15 10.69 3.23
N ASP A 39 -16.03 10.93 3.92
CA ASP A 39 -15.92 12.06 4.86
C ASP A 39 -15.47 13.38 4.21
N ALA A 40 -15.07 13.35 2.94
CA ALA A 40 -14.59 14.54 2.28
C ALA A 40 -15.78 15.34 1.72
N ALA A 41 -15.57 16.62 1.43
CA ALA A 41 -16.68 17.54 1.15
C ALA A 41 -17.31 17.36 -0.22
N SER A 42 -16.48 17.00 -1.19
CA SER A 42 -16.89 16.96 -2.60
C SER A 42 -17.95 15.92 -2.88
N GLN A 43 -17.86 14.77 -2.21
CA GLN A 43 -18.73 13.63 -2.48
C GLN A 43 -18.63 13.25 -3.97
N ARG A 44 -17.42 13.39 -4.51
CA ARG A 44 -17.12 13.02 -5.90
C ARG A 44 -15.90 12.12 -5.92
N MET A 45 -15.82 11.24 -6.91
CA MET A 45 -14.53 10.64 -7.23
C MET A 45 -13.57 11.79 -7.62
N GLU A 46 -12.35 11.76 -7.10
CA GLU A 46 -11.39 12.86 -7.23
C GLU A 46 -10.12 12.39 -7.93
N PRO A 47 -9.56 13.24 -8.82
CA PRO A 47 -8.30 12.91 -9.48
C PRO A 47 -7.11 12.93 -8.51
N ARG A 48 -6.13 12.04 -8.75
CA ARG A 48 -4.91 12.00 -7.93
C ARG A 48 -3.62 11.90 -8.74
N ALA A 49 -3.74 11.82 -10.07
CA ALA A 49 -2.58 11.92 -10.96
C ALA A 49 -2.95 12.84 -12.09
N PRO A 50 -1.99 13.64 -12.59
CA PRO A 50 -2.32 14.66 -13.59
C PRO A 50 -2.95 14.11 -14.88
N TRP A 51 -2.56 12.89 -15.27
CA TRP A 51 -3.01 12.29 -16.54
C TRP A 51 -4.44 11.76 -16.57
N ILE A 52 -5.09 11.71 -15.41
CA ILE A 52 -6.50 11.33 -15.33
C ILE A 52 -7.38 12.59 -15.45
N GLU A 53 -6.77 13.75 -15.25
CA GLU A 53 -7.51 15.02 -15.34
C GLU A 53 -7.95 15.35 -16.76
N GLN A 54 -7.34 14.70 -17.74
CA GLN A 54 -7.75 14.75 -19.14
C GLN A 54 -9.22 14.35 -19.32
N GLU A 55 -9.71 13.45 -18.46
CA GLU A 55 -11.03 12.83 -18.62
C GLU A 55 -12.16 13.84 -18.45
N GLY A 56 -13.19 13.73 -19.28
CA GLY A 56 -14.28 14.70 -19.28
C GLY A 56 -15.27 14.56 -18.13
N PRO A 57 -16.24 15.50 -18.03
CA PRO A 57 -17.24 15.46 -16.95
C PRO A 57 -18.06 14.18 -16.92
N GLU A 58 -18.29 13.56 -18.07
CA GLU A 58 -19.02 12.31 -18.11
C GLU A 58 -18.27 11.19 -17.37
N TYR A 59 -16.94 11.17 -17.50
CA TYR A 59 -16.10 10.22 -16.76
C TYR A 59 -16.32 10.34 -15.25
N TRP A 60 -16.20 11.56 -14.74
CA TRP A 60 -16.29 11.81 -13.30
C TRP A 60 -17.67 11.57 -12.72
N ASP A 61 -18.70 11.93 -13.49
CA ASP A 61 -20.10 11.62 -13.13
C ASP A 61 -20.28 10.11 -13.01
N GLY A 62 -19.80 9.39 -14.02
CA GLY A 62 -19.95 7.94 -14.09
C GLY A 62 -19.24 7.24 -12.95
N GLU A 63 -18.01 7.69 -12.65
CA GLU A 63 -17.20 7.09 -11.59
C GLU A 63 -17.78 7.38 -10.20
N THR A 64 -18.22 8.63 -10.00
CA THR A 64 -18.88 9.00 -8.77
C THR A 64 -20.10 8.09 -8.52
N ARG A 65 -20.89 7.87 -9.57
CA ARG A 65 -22.11 7.06 -9.50
C ARG A 65 -21.78 5.64 -9.03
N LYS A 66 -20.83 5.01 -9.71
CA LYS A 66 -20.43 3.63 -9.38
C LYS A 66 -19.83 3.50 -7.98
N VAL A 67 -18.97 4.44 -7.61
CA VAL A 67 -18.27 4.36 -6.34
C VAL A 67 -19.23 4.52 -5.16
N LYS A 68 -20.21 5.40 -5.30
CA LYS A 68 -21.24 5.59 -4.26
C LYS A 68 -22.12 4.35 -4.17
N ALA A 69 -22.30 3.65 -5.30
CA ALA A 69 -23.04 2.37 -5.33
C ALA A 69 -22.25 1.28 -4.63
N HIS A 70 -20.93 1.27 -4.83
CA HIS A 70 -20.04 0.39 -4.07
C HIS A 70 -20.24 0.64 -2.57
N SER A 71 -20.22 1.92 -2.15
CA SER A 71 -20.35 2.23 -0.72
C SER A 71 -21.68 1.76 -0.12
N GLN A 72 -22.74 1.83 -0.92
CA GLN A 72 -24.05 1.35 -0.45
C GLN A 72 -24.09 -0.16 -0.38
N THR A 73 -23.49 -0.83 -1.36
CA THR A 73 -23.34 -2.29 -1.33
C THR A 73 -22.67 -2.73 -0.04
N HIS A 74 -21.55 -2.07 0.29
CA HIS A 74 -20.80 -2.39 1.49
C HIS A 74 -21.58 -2.05 2.79
N ARG A 75 -22.38 -1.00 2.73
CA ARG A 75 -23.24 -0.64 3.87
C ARG A 75 -24.20 -1.80 4.16
N VAL A 76 -24.84 -2.29 3.10
CA VAL A 76 -25.76 -3.42 3.21
C VAL A 76 -25.00 -4.66 3.71
N ASP A 77 -23.81 -4.91 3.13
CA ASP A 77 -22.96 -6.04 3.55
C ASP A 77 -22.70 -6.08 5.03
N LEU A 78 -22.41 -4.92 5.63
CA LEU A 78 -22.02 -4.87 7.04
C LEU A 78 -23.17 -5.32 7.93
N GLY A 79 -24.39 -4.97 7.53
CA GLY A 79 -25.60 -5.43 8.21
C GLY A 79 -25.78 -6.93 8.09
N THR A 80 -25.63 -7.45 6.87
CA THR A 80 -25.80 -8.86 6.58
C THR A 80 -24.76 -9.71 7.30
N LEU A 81 -23.51 -9.26 7.27
CA LEU A 81 -22.43 -9.99 7.90
C LEU A 81 -22.62 -10.09 9.40
N ARG A 82 -23.12 -9.00 10.00
CA ARG A 82 -23.45 -8.94 11.43
C ARG A 82 -24.41 -10.06 11.82
N GLY A 83 -25.42 -10.28 11.01
CA GLY A 83 -26.38 -11.35 11.21
C GLY A 83 -25.83 -12.75 10.94
N TYR A 84 -25.04 -12.91 9.88
CA TYR A 84 -24.39 -14.20 9.62
C TYR A 84 -23.51 -14.66 10.78
N TYR A 85 -22.85 -13.71 11.43
CA TYR A 85 -21.88 -14.04 12.45
C TYR A 85 -22.39 -13.85 13.88
N ASN A 86 -23.71 -13.66 14.02
CA ASN A 86 -24.37 -13.41 15.31
C ASN A 86 -23.63 -12.38 16.13
N GLN A 87 -23.30 -11.26 15.51
CA GLN A 87 -22.57 -10.21 16.21
C GLN A 87 -23.56 -9.14 16.63
N SER A 88 -23.19 -8.38 17.66
CA SER A 88 -24.07 -7.33 18.16
C SER A 88 -23.93 -6.05 17.35
N GLU A 89 -24.82 -5.10 17.64
CA GLU A 89 -24.80 -3.77 17.03
C GLU A 89 -23.73 -2.84 17.61
N ALA A 90 -23.15 -3.21 18.75
CA ALA A 90 -22.28 -2.31 19.51
C ALA A 90 -20.86 -2.19 18.96
N GLY A 91 -20.45 -3.16 18.16
CA GLY A 91 -19.08 -3.20 17.67
C GLY A 91 -18.94 -2.64 16.28
N SER A 92 -17.74 -2.13 16.00
CA SER A 92 -17.38 -1.64 14.69
C SER A 92 -16.75 -2.79 13.91
N HIS A 93 -17.14 -2.92 12.64
CA HIS A 93 -16.61 -3.98 11.78
C HIS A 93 -16.16 -3.43 10.44
N THR A 94 -15.41 -4.25 9.70
CA THR A 94 -14.74 -3.79 8.49
C THR A 94 -15.00 -4.76 7.38
N VAL A 95 -15.39 -4.22 6.23
CA VAL A 95 -15.32 -4.97 4.97
C VAL A 95 -14.29 -4.33 4.03
N GLN A 96 -13.57 -5.19 3.31
CA GLN A 96 -12.58 -4.76 2.33
C GLN A 96 -12.81 -5.53 1.06
N ARG A 97 -12.68 -4.87 -0.07
CA ARG A 97 -12.81 -5.48 -1.40
C ARG A 97 -11.67 -4.99 -2.28
N MET A 98 -11.06 -5.89 -3.05
CA MET A 98 -10.04 -5.51 -4.04
C MET A 98 -10.37 -6.19 -5.38
N TYR A 99 -10.31 -5.45 -6.48
CA TYR A 99 -10.33 -6.06 -7.80
C TYR A 99 -9.46 -5.39 -8.86
N GLY A 100 -9.20 -6.11 -9.95
CA GLY A 100 -8.44 -5.56 -11.05
C GLY A 100 -7.91 -6.60 -12.00
N CYS A 101 -7.18 -6.12 -12.99
CA CYS A 101 -6.61 -6.95 -14.04
C CYS A 101 -5.09 -6.69 -14.19
N ASP A 102 -4.37 -7.70 -14.66
CA ASP A 102 -2.98 -7.57 -15.10
C ASP A 102 -2.96 -7.68 -16.63
N VAL A 103 -1.98 -7.03 -17.25
CA VAL A 103 -1.70 -7.24 -18.68
C VAL A 103 -0.22 -7.55 -18.85
N GLY A 104 0.12 -8.32 -19.88
CA GLY A 104 1.51 -8.61 -20.21
C GLY A 104 2.14 -7.49 -21.01
N SER A 105 3.35 -7.74 -21.52
CA SER A 105 4.14 -6.72 -22.24
C SER A 105 3.45 -6.22 -23.50
N ASP A 106 2.64 -7.09 -24.10
CA ASP A 106 1.82 -6.75 -25.27
C ASP A 106 0.53 -6.06 -24.85
N TRP A 107 0.39 -5.81 -23.55
CA TRP A 107 -0.80 -5.16 -22.99
C TRP A 107 -2.09 -5.96 -23.22
N ARG A 108 -1.96 -7.27 -23.39
CA ARG A 108 -3.14 -8.15 -23.41
C ARG A 108 -3.39 -8.85 -22.07
N PHE A 109 -4.66 -9.17 -21.81
CA PHE A 109 -5.10 -9.84 -20.60
C PHE A 109 -4.19 -10.96 -20.13
N LEU A 110 -3.82 -10.89 -18.86
CA LEU A 110 -3.07 -11.94 -18.20
C LEU A 110 -3.86 -12.61 -17.09
N ARG A 111 -4.38 -11.78 -16.18
CA ARG A 111 -5.03 -12.24 -14.94
C ARG A 111 -6.09 -11.23 -14.48
N GLY A 112 -7.07 -11.74 -13.75
CA GLY A 112 -8.11 -10.92 -13.13
C GLY A 112 -8.27 -11.34 -11.68
N TYR A 113 -8.68 -10.40 -10.84
CA TYR A 113 -8.85 -10.64 -9.41
C TYR A 113 -10.12 -9.98 -8.95
N HIS A 114 -10.81 -10.63 -7.99
CA HIS A 114 -11.86 -10.02 -7.21
C HIS A 114 -11.91 -10.74 -5.86
N GLN A 115 -11.54 -10.05 -4.79
CA GLN A 115 -11.55 -10.70 -3.49
C GLN A 115 -12.10 -9.82 -2.37
N TYR A 116 -12.52 -10.48 -1.30
CA TYR A 116 -13.34 -9.84 -0.30
C TYR A 116 -13.00 -10.38 1.08
N ALA A 117 -12.99 -9.50 2.07
CA ALA A 117 -12.60 -9.83 3.43
C ALA A 117 -13.55 -9.19 4.42
N TYR A 118 -13.84 -9.92 5.49
CA TYR A 118 -14.63 -9.38 6.60
C TYR A 118 -13.80 -9.41 7.86
N ASP A 119 -13.67 -8.26 8.50
CA ASP A 119 -12.82 -8.08 9.68
C ASP A 119 -11.40 -8.58 9.44
N GLY A 120 -10.89 -8.36 8.23
CA GLY A 120 -9.49 -8.63 7.90
C GLY A 120 -9.16 -10.08 7.65
N LYS A 121 -10.19 -10.91 7.45
CA LYS A 121 -9.99 -12.33 7.11
C LYS A 121 -10.64 -12.64 5.77
N ASP A 122 -10.03 -13.56 5.03
CA ASP A 122 -10.61 -14.04 3.77
C ASP A 122 -12.08 -14.35 3.99
N TYR A 123 -12.92 -13.85 3.09
CA TYR A 123 -14.33 -14.18 3.09
C TYR A 123 -14.66 -14.98 1.83
N ILE A 124 -14.55 -14.34 0.67
CA ILE A 124 -14.82 -15.00 -0.61
C ILE A 124 -13.96 -14.34 -1.68
N ALA A 125 -13.53 -15.12 -2.67
CA ALA A 125 -12.66 -14.62 -3.70
C ALA A 125 -12.95 -15.35 -4.99
N LEU A 126 -12.80 -14.64 -6.10
CA LEU A 126 -12.94 -15.22 -7.42
C LEU A 126 -11.68 -16.01 -7.67
N LYS A 127 -11.85 -17.22 -8.21
CA LYS A 127 -10.72 -18.07 -8.55
C LYS A 127 -10.08 -17.58 -9.84
N GLU A 128 -8.85 -18.01 -10.10
CA GLU A 128 -8.08 -17.55 -11.25
C GLU A 128 -8.82 -17.73 -12.57
N ASP A 129 -9.58 -18.81 -12.72
CA ASP A 129 -10.34 -19.03 -13.96
C ASP A 129 -11.47 -18.01 -14.16
N LEU A 130 -11.76 -17.24 -13.12
CA LEU A 130 -12.82 -16.22 -13.10
C LEU A 130 -14.18 -16.84 -13.34
N ARG A 131 -14.32 -18.12 -13.01
CA ARG A 131 -15.57 -18.86 -13.23
C ARG A 131 -16.20 -19.36 -11.94
N SER A 132 -15.38 -19.45 -10.90
CA SER A 132 -15.83 -20.00 -9.62
C SER A 132 -15.33 -19.20 -8.41
N TRP A 133 -15.82 -19.59 -7.22
CA TRP A 133 -15.54 -18.90 -5.96
C TRP A 133 -14.84 -19.77 -4.93
N THR A 134 -13.96 -19.14 -4.16
CA THR A 134 -13.40 -19.71 -2.92
C THR A 134 -14.08 -19.05 -1.73
N ALA A 135 -14.89 -19.83 -1.02
CA ALA A 135 -15.62 -19.37 0.17
C ALA A 135 -14.94 -19.96 1.39
N ALA A 136 -14.48 -19.10 2.30
CA ALA A 136 -13.65 -19.52 3.43
C ALA A 136 -14.38 -20.31 4.52
N ASP A 137 -15.67 -19.99 4.70
CA ASP A 137 -16.46 -20.58 5.77
C ASP A 137 -17.91 -20.66 5.31
N MET A 138 -18.81 -21.05 6.22
CA MET A 138 -20.20 -21.29 5.82
C MET A 138 -21.01 -20.01 5.61
N ALA A 139 -20.56 -18.88 6.18
CA ALA A 139 -21.23 -17.61 5.92
C ALA A 139 -20.97 -17.24 4.46
N ALA A 140 -19.71 -17.31 4.07
CA ALA A 140 -19.27 -17.06 2.70
C ALA A 140 -19.84 -18.05 1.69
N GLN A 141 -20.09 -19.28 2.13
CA GLN A 141 -20.73 -20.30 1.30
C GLN A 141 -22.17 -19.94 0.91
N THR A 142 -22.89 -19.28 1.81
CA THR A 142 -24.22 -18.70 1.53
C THR A 142 -24.10 -17.56 0.50
N THR A 143 -23.08 -16.72 0.65
CA THR A 143 -22.80 -15.68 -0.34
C THR A 143 -22.46 -16.33 -1.69
N LYS A 144 -21.60 -17.36 -1.67
CA LYS A 144 -21.26 -18.08 -2.89
C LYS A 144 -22.53 -18.47 -3.66
N HIS A 145 -23.48 -19.12 -3.01
CA HIS A 145 -24.72 -19.53 -3.67
C HIS A 145 -25.58 -18.36 -4.21
N LYS A 146 -25.69 -17.28 -3.45
CA LYS A 146 -26.38 -16.07 -3.95
C LYS A 146 -25.70 -15.61 -5.25
N TRP A 147 -24.37 -15.50 -5.21
CA TRP A 147 -23.61 -14.95 -6.32
C TRP A 147 -23.62 -15.84 -7.55
N GLU A 148 -23.66 -17.15 -7.33
CA GLU A 148 -23.89 -18.11 -8.40
C GLU A 148 -25.28 -17.90 -9.02
N ALA A 149 -26.28 -17.73 -8.16
CA ALA A 149 -27.65 -17.52 -8.61
C ALA A 149 -27.73 -16.25 -9.47
N ALA A 150 -27.05 -15.20 -9.03
CA ALA A 150 -27.10 -13.89 -9.69
C ALA A 150 -26.07 -13.69 -10.80
N HIS A 151 -25.32 -14.75 -11.15
CA HIS A 151 -24.36 -14.72 -12.27
C HIS A 151 -23.24 -13.68 -12.10
N VAL A 152 -22.82 -13.48 -10.84
CA VAL A 152 -21.80 -12.49 -10.49
C VAL A 152 -20.50 -12.73 -11.24
N ALA A 153 -20.03 -13.98 -11.24
CA ALA A 153 -18.75 -14.31 -11.88
C ALA A 153 -18.73 -13.99 -13.37
N GLU A 154 -19.82 -14.28 -14.06
CA GLU A 154 -19.95 -13.94 -15.48
C GLU A 154 -19.87 -12.42 -15.69
N GLN A 155 -20.53 -11.65 -14.82
CA GLN A 155 -20.53 -10.19 -14.87
C GLN A 155 -19.13 -9.63 -14.59
N LEU A 156 -18.44 -10.18 -13.59
CA LEU A 156 -17.09 -9.77 -13.26
C LEU A 156 -16.09 -10.11 -14.34
N ARG A 157 -16.19 -11.34 -14.86
CA ARG A 157 -15.31 -11.80 -15.91
C ARG A 157 -15.40 -10.91 -17.15
N ALA A 158 -16.61 -10.47 -17.50
CA ALA A 158 -16.78 -9.57 -18.62
C ALA A 158 -16.01 -8.27 -18.33
N TYR A 159 -16.14 -7.78 -17.10
CA TYR A 159 -15.45 -6.56 -16.72
C TYR A 159 -13.92 -6.67 -16.71
N LEU A 160 -13.40 -7.75 -16.13
CA LEU A 160 -11.95 -7.93 -15.93
C LEU A 160 -11.20 -8.21 -17.22
N GLU A 161 -11.86 -8.90 -18.15
CA GLU A 161 -11.29 -9.24 -19.45
C GLU A 161 -11.59 -8.15 -20.49
N GLY A 162 -12.59 -7.32 -20.23
CA GLY A 162 -13.00 -6.28 -21.17
C GLY A 162 -12.66 -4.88 -20.69
N THR A 163 -13.62 -4.24 -20.05
CA THR A 163 -13.50 -2.86 -19.54
C THR A 163 -12.18 -2.56 -18.78
N CYS A 164 -11.82 -3.45 -17.86
CA CYS A 164 -10.63 -3.28 -17.06
C CYS A 164 -9.37 -3.12 -17.93
N VAL A 165 -9.17 -4.05 -18.87
CA VAL A 165 -7.98 -4.00 -19.71
C VAL A 165 -8.02 -2.88 -20.77
N GLU A 166 -9.21 -2.53 -21.23
CA GLU A 166 -9.39 -1.43 -22.20
C GLU A 166 -8.99 -0.08 -21.58
N TRP A 167 -9.41 0.15 -20.34
CA TRP A 167 -9.15 1.41 -19.67
C TRP A 167 -7.73 1.49 -19.13
N LEU A 168 -7.22 0.35 -18.66
CA LEU A 168 -5.81 0.29 -18.28
C LEU A 168 -4.94 0.67 -19.48
N ARG A 169 -5.23 0.10 -20.63
CA ARG A 169 -4.53 0.43 -21.86
C ARG A 169 -4.61 1.95 -22.11
N ARG A 170 -5.82 2.49 -21.97
CA ARG A 170 -6.03 3.92 -22.18
C ARG A 170 -5.23 4.79 -21.21
N TYR A 171 -5.23 4.44 -19.93
CA TYR A 171 -4.50 5.20 -18.89
C TYR A 171 -2.99 5.15 -19.13
N LEU A 172 -2.49 3.99 -19.54
CA LEU A 172 -1.07 3.80 -19.86
C LEU A 172 -0.60 4.72 -21.00
N GLU A 173 -1.47 4.93 -22.00
CA GLU A 173 -1.14 5.82 -23.11
C GLU A 173 -1.20 7.27 -22.64
N ASN A 174 -2.33 7.65 -22.04
CA ASN A 174 -2.49 9.03 -21.58
C ASN A 174 -1.42 9.45 -20.59
N GLY A 175 -1.03 8.52 -19.71
CA GLY A 175 -0.05 8.82 -18.67
C GLY A 175 1.35 8.33 -18.99
N LYS A 176 1.64 8.10 -20.26
CA LYS A 176 2.87 7.38 -20.66
C LYS A 176 4.19 7.96 -20.13
N GLU A 177 4.29 9.28 -19.99
CA GLU A 177 5.54 9.92 -19.57
C GLU A 177 5.96 9.56 -18.15
N THR A 178 4.99 9.19 -17.30
CA THR A 178 5.32 8.71 -15.96
C THR A 178 5.05 7.21 -15.77
N LEU A 179 3.92 6.72 -16.27
CA LEU A 179 3.52 5.32 -16.05
C LEU A 179 4.39 4.34 -16.81
N GLN A 180 4.89 4.75 -17.98
CA GLN A 180 5.68 3.87 -18.86
C GLN A 180 7.20 4.10 -18.72
N ARG A 181 7.56 4.96 -17.77
CA ARG A 181 8.95 5.25 -17.38
C ARG A 181 9.37 4.46 -16.12
N THR A 182 10.56 3.83 -16.16
CA THR A 182 11.13 3.22 -14.95
C THR A 182 12.16 4.18 -14.33
N ASP A 183 12.11 4.31 -13.02
CA ASP A 183 13.10 5.06 -12.29
C ASP A 183 14.00 4.04 -11.58
N ALA A 184 15.23 3.91 -12.07
CA ALA A 184 16.20 2.98 -11.48
C ALA A 184 16.57 3.47 -10.10
N PRO A 185 16.80 2.54 -9.16
CA PRO A 185 17.20 2.96 -7.81
C PRO A 185 18.50 3.75 -7.78
N LYS A 186 18.56 4.77 -6.94
CA LYS A 186 19.78 5.50 -6.69
C LYS A 186 20.42 4.85 -5.45
N THR A 187 21.57 4.22 -5.65
CA THR A 187 22.16 3.38 -4.60
C THR A 187 23.45 3.96 -4.04
N HIS A 188 23.65 3.72 -2.75
CA HIS A 188 24.89 4.01 -2.06
C HIS A 188 25.00 3.15 -0.79
N MET A 189 26.20 3.11 -0.22
CA MET A 189 26.43 2.32 0.97
C MET A 189 26.88 3.21 2.12
N THR A 190 26.40 2.91 3.32
CA THR A 190 26.90 3.59 4.51
C THR A 190 27.48 2.57 5.48
N HIS A 191 28.34 3.06 6.37
CA HIS A 191 29.14 2.28 7.29
C HIS A 191 28.91 2.82 8.68
N HIS A 192 28.56 1.94 9.62
CA HIS A 192 28.32 2.35 10.99
C HIS A 192 28.95 1.36 11.97
N ALA A 193 30.05 1.75 12.58
CA ALA A 193 30.66 0.95 13.63
C ALA A 193 29.64 0.67 14.75
N VAL A 194 29.57 -0.58 15.19
CA VAL A 194 28.70 -0.95 16.31
C VAL A 194 29.51 -1.20 17.58
N SER A 195 30.78 -1.58 17.42
CA SER A 195 31.72 -1.71 18.52
C SER A 195 33.13 -1.62 17.92
N ASP A 196 34.14 -1.93 18.73
CA ASP A 196 35.51 -1.95 18.24
C ASP A 196 35.71 -3.11 17.27
N HIS A 197 34.83 -4.10 17.34
CA HIS A 197 35.03 -5.36 16.62
C HIS A 197 34.10 -5.59 15.44
N GLU A 198 32.97 -4.91 15.43
CA GLU A 198 31.95 -5.11 14.39
C GLU A 198 31.43 -3.80 13.81
N ALA A 199 30.94 -3.88 12.57
CA ALA A 199 30.34 -2.75 11.88
C ALA A 199 29.10 -3.16 11.08
N THR A 200 28.15 -2.25 10.98
CA THR A 200 27.02 -2.39 10.06
C THR A 200 27.33 -1.76 8.70
N LEU A 201 27.12 -2.52 7.64
CA LEU A 201 27.12 -1.98 6.29
C LEU A 201 25.66 -1.87 5.81
N ARG A 202 25.26 -0.69 5.35
CA ARG A 202 23.87 -0.48 4.94
C ARG A 202 23.82 -0.13 3.45
N CYS A 203 23.05 -0.90 2.71
CA CYS A 203 22.96 -0.68 1.28
C CYS A 203 21.61 -0.07 0.94
N TRP A 204 21.64 1.15 0.39
CA TRP A 204 20.41 1.93 0.15
C TRP A 204 19.92 1.91 -1.28
N ALA A 205 18.61 1.85 -1.48
CA ALA A 205 18.03 2.08 -2.81
C ALA A 205 16.99 3.18 -2.67
N LEU A 206 17.20 4.30 -3.36
CA LEU A 206 16.34 5.47 -3.22
C LEU A 206 15.71 5.84 -4.55
N SER A 207 14.59 6.57 -4.48
CA SER A 207 13.92 7.15 -5.65
C SER A 207 13.65 6.18 -6.80
N PHE A 208 13.21 4.97 -6.50
CA PHE A 208 12.92 4.05 -7.58
C PHE A 208 11.42 3.83 -7.85
N TYR A 209 11.11 3.45 -9.09
CA TYR A 209 9.75 3.13 -9.52
C TYR A 209 9.85 2.17 -10.70
N PRO A 210 9.02 1.10 -10.71
CA PRO A 210 8.02 0.67 -9.71
C PRO A 210 8.62 0.20 -8.37
N ALA A 211 7.75 -0.12 -7.41
CA ALA A 211 8.13 -0.53 -6.05
C ALA A 211 8.91 -1.85 -5.97
N GLU A 212 8.67 -2.75 -6.90
CA GLU A 212 9.29 -4.08 -6.87
C GLU A 212 10.81 -3.95 -7.02
N ILE A 213 11.54 -4.61 -6.11
CA ILE A 213 13.01 -4.54 -6.07
C ILE A 213 13.54 -5.72 -5.25
N THR A 214 14.79 -6.10 -5.49
CA THR A 214 15.48 -7.13 -4.72
C THR A 214 16.85 -6.61 -4.27
N LEU A 215 17.07 -6.62 -2.96
CA LEU A 215 18.35 -6.21 -2.38
C LEU A 215 18.92 -7.40 -1.62
N THR A 216 20.16 -7.79 -1.94
CA THR A 216 20.76 -8.94 -1.30
C THR A 216 22.22 -8.66 -0.97
N TRP A 217 22.73 -9.35 0.05
CA TRP A 217 24.14 -9.35 0.38
C TRP A 217 24.82 -10.64 -0.04
N GLN A 218 26.06 -10.49 -0.51
CA GLN A 218 26.95 -11.64 -0.68
C GLN A 218 28.25 -11.49 0.10
N ARG A 219 28.75 -12.61 0.62
CA ARG A 219 30.06 -12.63 1.26
CA ARG A 219 30.02 -12.71 1.34
C ARG A 219 30.97 -13.54 0.45
N ASP A 220 32.08 -12.96 0.01
CA ASP A 220 33.00 -13.68 -0.86
C ASP A 220 32.25 -14.35 -2.03
N GLY A 221 31.26 -13.64 -2.56
CA GLY A 221 30.50 -14.10 -3.73
C GLY A 221 29.51 -15.21 -3.45
N GLU A 222 29.24 -15.47 -2.17
CA GLU A 222 28.18 -16.41 -1.77
C GLU A 222 27.08 -15.67 -1.01
N ASP A 223 25.84 -16.14 -1.10
CA ASP A 223 24.71 -15.43 -0.49
C ASP A 223 24.74 -15.40 1.04
N GLN A 224 24.44 -14.23 1.59
CA GLN A 224 24.51 -13.98 3.02
C GLN A 224 23.15 -13.49 3.52
N THR A 225 22.50 -14.28 4.39
CA THR A 225 21.22 -13.87 5.01
C THR A 225 21.33 -13.73 6.53
N GLN A 226 22.20 -14.52 7.15
CA GLN A 226 22.50 -14.35 8.58
C GLN A 226 23.11 -12.98 8.88
N ASP A 227 22.76 -12.45 10.06
CA ASP A 227 23.19 -11.13 10.50
C ASP A 227 22.81 -10.01 9.51
N THR A 228 21.71 -10.20 8.77
CA THR A 228 21.19 -9.17 7.87
C THR A 228 19.83 -8.65 8.34
N GLU A 229 19.57 -7.38 8.07
CA GLU A 229 18.24 -6.78 8.25
C GLU A 229 17.79 -6.13 6.94
N LEU A 230 16.59 -6.50 6.50
CA LEU A 230 15.95 -5.98 5.30
C LEU A 230 14.66 -5.26 5.68
N VAL A 231 14.58 -3.95 5.46
CA VAL A 231 13.35 -3.22 5.78
C VAL A 231 12.33 -3.32 4.66
N GLU A 232 11.05 -3.24 5.01
CA GLU A 232 10.00 -3.27 4.01
CA GLU A 232 9.94 -3.22 4.07
C GLU A 232 10.07 -2.02 3.12
N THR A 233 9.85 -2.22 1.82
CA THR A 233 9.86 -1.14 0.83
C THR A 233 8.86 -0.05 1.32
N ARG A 234 9.25 1.23 1.26
CA ARG A 234 8.46 2.31 1.84
C ARG A 234 8.31 3.47 0.84
N PRO A 235 7.18 4.19 0.87
CA PRO A 235 7.03 5.31 -0.06
C PRO A 235 7.89 6.51 0.37
N ALA A 236 8.64 7.08 -0.58
CA ALA A 236 9.35 8.34 -0.33
C ALA A 236 8.37 9.49 -0.11
N GLY A 237 7.18 9.41 -0.69
CA GLY A 237 6.19 10.48 -0.60
C GLY A 237 6.00 11.27 -1.88
N ASP A 238 6.94 11.12 -2.82
CA ASP A 238 6.88 11.83 -4.10
C ASP A 238 6.49 10.93 -5.28
N GLY A 239 6.02 9.73 -4.99
CA GLY A 239 5.66 8.77 -6.03
C GLY A 239 6.66 7.64 -6.18
N THR A 240 7.87 7.81 -5.62
CA THR A 240 8.93 6.80 -5.69
C THR A 240 9.07 6.04 -4.38
N PHE A 241 9.96 5.05 -4.37
CA PHE A 241 10.11 4.16 -3.21
C PHE A 241 11.55 4.06 -2.72
N GLN A 242 11.68 3.61 -1.47
CA GLN A 242 12.98 3.42 -0.83
C GLN A 242 13.04 2.06 -0.18
N LYS A 243 14.24 1.51 -0.06
CA LYS A 243 14.48 0.29 0.70
C LYS A 243 15.95 0.28 1.07
N TRP A 244 16.29 -0.42 2.15
CA TRP A 244 17.67 -0.76 2.46
C TRP A 244 17.84 -2.18 3.00
N VAL A 245 19.05 -2.71 2.89
CA VAL A 245 19.44 -3.98 3.50
C VAL A 245 20.79 -3.76 4.20
N ALA A 246 20.92 -4.33 5.38
CA ALA A 246 22.08 -4.12 6.22
C ALA A 246 22.66 -5.47 6.64
N VAL A 247 23.95 -5.48 6.91
CA VAL A 247 24.67 -6.67 7.35
C VAL A 247 25.68 -6.25 8.43
N VAL A 248 25.82 -7.09 9.47
CA VAL A 248 26.85 -6.86 10.49
C VAL A 248 28.09 -7.69 10.13
N VAL A 249 29.25 -7.05 10.13
CA VAL A 249 30.48 -7.67 9.67
C VAL A 249 31.63 -7.42 10.67
N PRO A 250 32.62 -8.34 10.73
CA PRO A 250 33.80 -8.05 11.55
C PRO A 250 34.56 -6.86 10.94
N SER A 251 34.93 -5.90 11.78
CA SER A 251 35.61 -4.72 11.26
C SER A 251 36.93 -5.11 10.61
N GLY A 252 37.25 -4.48 9.49
CA GLY A 252 38.42 -4.87 8.70
C GLY A 252 38.07 -5.82 7.57
N GLN A 253 36.89 -6.43 7.64
CA GLN A 253 36.47 -7.42 6.64
C GLN A 253 35.40 -6.90 5.65
N GLU A 254 35.18 -5.59 5.64
CA GLU A 254 34.13 -4.95 4.83
C GLU A 254 34.26 -5.35 3.35
N GLN A 255 35.50 -5.48 2.86
CA GLN A 255 35.77 -5.81 1.45
C GLN A 255 35.24 -7.16 0.92
N ARG A 256 34.94 -8.11 1.81
CA ARG A 256 34.38 -9.42 1.39
C ARG A 256 32.90 -9.30 0.99
N TYR A 257 32.29 -8.19 1.39
CA TYR A 257 30.83 -8.02 1.30
C TYR A 257 30.41 -7.16 0.12
N THR A 258 29.42 -7.64 -0.62
CA THR A 258 28.90 -6.95 -1.79
C THR A 258 27.39 -6.92 -1.75
N CYS A 259 26.83 -5.78 -2.15
CA CYS A 259 25.38 -5.61 -2.18
C CYS A 259 24.93 -5.69 -3.63
N HIS A 260 23.86 -6.47 -3.84
CA HIS A 260 23.33 -6.72 -5.16
C HIS A 260 21.88 -6.21 -5.28
N VAL A 261 21.62 -5.46 -6.33
CA VAL A 261 20.34 -4.76 -6.55
C VAL A 261 19.77 -5.16 -7.90
N GLN A 262 18.54 -5.68 -7.89
CA GLN A 262 17.79 -6.02 -9.10
C GLN A 262 16.55 -5.14 -9.17
N HIS A 263 16.38 -4.47 -10.30
CA HIS A 263 15.22 -3.63 -10.54
C HIS A 263 14.90 -3.51 -12.03
N GLU A 264 13.60 -3.44 -12.36
CA GLU A 264 13.14 -3.28 -13.74
C GLU A 264 13.91 -2.20 -14.52
N GLY A 265 14.26 -1.11 -13.84
CA GLY A 265 14.96 0.01 -14.48
C GLY A 265 16.47 -0.15 -14.67
N LEU A 266 17.02 -1.27 -14.22
CA LEU A 266 18.44 -1.59 -14.42
C LEU A 266 18.57 -2.69 -15.48
N PRO A 267 19.19 -2.36 -16.63
CA PRO A 267 19.42 -3.36 -17.69
C PRO A 267 20.10 -4.61 -17.13
N LYS A 268 21.14 -4.40 -16.32
CA LYS A 268 21.84 -5.46 -15.59
C LYS A 268 21.87 -5.11 -14.09
N PRO A 269 21.92 -6.14 -13.22
CA PRO A 269 22.00 -5.84 -11.78
C PRO A 269 23.24 -5.05 -11.37
N LEU A 270 23.12 -4.34 -10.25
CA LEU A 270 24.18 -3.49 -9.72
C LEU A 270 24.88 -4.23 -8.59
N THR A 271 26.18 -3.98 -8.45
CA THR A 271 26.98 -4.47 -7.34
C THR A 271 27.68 -3.30 -6.63
N LEU A 272 27.48 -3.18 -5.32
CA LEU A 272 28.16 -2.16 -4.55
C LEU A 272 29.14 -2.77 -3.56
N ARG A 273 30.20 -2.04 -3.27
CA ARG A 273 31.22 -2.45 -2.30
C ARG A 273 31.51 -1.28 -1.37
N TRP A 274 32.04 -1.58 -0.19
CA TRP A 274 32.53 -0.53 0.68
C TRP A 274 34.00 -0.24 0.35
N MET B 1 -12.27 -11.30 16.73
CA MET B 1 -11.76 -9.99 16.21
C MET B 1 -10.24 -10.01 16.09
N ILE B 2 -9.76 -10.07 14.85
CA ILE B 2 -8.31 -10.12 14.57
C ILE B 2 -7.67 -8.75 14.75
N GLN B 3 -6.58 -8.71 15.51
CA GLN B 3 -5.91 -7.44 15.75
C GLN B 3 -4.41 -7.57 15.47
N ARG B 4 -3.94 -6.82 14.48
CA ARG B 4 -2.53 -6.80 14.11
C ARG B 4 -1.93 -5.45 14.46
N THR B 5 -0.80 -5.47 15.14
CA THR B 5 -0.14 -4.24 15.57
C THR B 5 0.64 -3.60 14.42
N PRO B 6 0.63 -2.26 14.32
CA PRO B 6 1.37 -1.57 13.26
C PRO B 6 2.88 -1.77 13.31
N LYS B 7 3.49 -1.95 12.14
CA LYS B 7 4.94 -1.74 12.00
C LYS B 7 5.16 -0.26 11.70
N ILE B 8 6.28 0.29 12.15
CA ILE B 8 6.57 1.72 11.98
C ILE B 8 7.98 1.91 11.44
N GLN B 9 8.06 2.70 10.37
CA GLN B 9 9.33 3.28 9.91
C GLN B 9 9.17 4.79 9.93
N VAL B 10 10.20 5.47 10.47
CA VAL B 10 10.29 6.93 10.47
C VAL B 10 11.56 7.27 9.70
N TYR B 11 11.46 8.22 8.77
CA TYR B 11 12.53 8.45 7.80
C TYR B 11 12.28 9.71 6.99
N SER B 12 13.32 10.22 6.34
CA SER B 12 13.21 11.44 5.54
C SER B 12 13.00 11.10 4.07
N ARG B 13 12.30 11.97 3.35
CA ARG B 13 12.04 11.78 1.93
C ARG B 13 13.32 11.80 1.11
N HIS B 14 14.22 12.73 1.48
CA HIS B 14 15.52 12.90 0.80
C HIS B 14 16.63 12.67 1.80
N PRO B 15 17.87 12.43 1.31
CA PRO B 15 18.93 12.22 2.30
C PRO B 15 19.12 13.48 3.17
N ALA B 16 19.39 13.27 4.46
CA ALA B 16 19.37 14.34 5.43
C ALA B 16 20.68 15.10 5.52
N GLU B 17 20.56 16.44 5.57
CA GLU B 17 21.70 17.31 5.83
C GLU B 17 21.20 18.43 6.72
N ASN B 18 21.94 18.70 7.79
CA ASN B 18 21.53 19.73 8.73
C ASN B 18 21.36 21.07 8.02
N GLY B 19 20.25 21.74 8.35
CA GLY B 19 19.94 23.03 7.75
C GLY B 19 19.24 23.00 6.41
N LYS B 20 19.11 21.80 5.81
CA LYS B 20 18.46 21.67 4.49
C LYS B 20 17.02 21.11 4.55
N SER B 21 16.13 21.80 3.86
CA SER B 21 14.71 21.47 3.76
C SER B 21 14.46 20.04 3.28
N ASN B 22 13.51 19.36 3.92
CA ASN B 22 13.23 17.95 3.67
C ASN B 22 11.78 17.63 4.03
N PHE B 23 11.42 16.34 3.97
CA PHE B 23 10.11 15.87 4.44
C PHE B 23 10.29 14.69 5.37
N LEU B 24 9.62 14.78 6.51
CA LEU B 24 9.63 13.74 7.55
C LEU B 24 8.47 12.78 7.31
N ASN B 25 8.78 11.50 7.16
CA ASN B 25 7.76 10.48 6.91
C ASN B 25 7.57 9.54 8.10
N CYS B 26 6.33 9.15 8.36
CA CYS B 26 6.09 8.03 9.23
C CYS B 26 5.16 7.06 8.51
N TYR B 27 5.71 5.91 8.16
CA TYR B 27 4.99 4.88 7.42
C TYR B 27 4.54 3.80 8.39
N VAL B 28 3.22 3.67 8.52
CA VAL B 28 2.63 2.66 9.38
C VAL B 28 1.96 1.63 8.49
N SER B 29 2.25 0.37 8.77
CA SER B 29 1.79 -0.72 7.92
C SER B 29 1.47 -1.98 8.74
N GLY B 30 0.74 -2.92 8.14
CA GLY B 30 0.60 -4.23 8.75
C GLY B 30 -0.42 -4.27 9.86
N PHE B 31 -1.24 -3.21 9.98
CA PHE B 31 -2.16 -3.11 11.10
C PHE B 31 -3.61 -3.44 10.75
N HIS B 32 -4.35 -3.89 11.77
CA HIS B 32 -5.78 -4.14 11.69
C HIS B 32 -6.35 -4.10 13.11
N PRO B 33 -7.49 -3.42 13.32
CA PRO B 33 -8.31 -2.62 12.40
C PRO B 33 -7.65 -1.29 11.95
N SER B 34 -8.36 -0.54 11.13
CA SER B 34 -7.80 0.64 10.45
C SER B 34 -7.70 1.90 11.29
N ASP B 35 -8.49 2.00 12.35
CA ASP B 35 -8.39 3.14 13.25
C ASP B 35 -6.98 3.21 13.83
N ILE B 36 -6.34 4.36 13.69
CA ILE B 36 -4.97 4.53 14.18
C ILE B 36 -4.69 6.00 14.46
N GLU B 37 -3.82 6.24 15.43
CA GLU B 37 -3.44 7.61 15.76
C GLU B 37 -1.95 7.79 15.48
N VAL B 38 -1.64 8.74 14.62
CA VAL B 38 -0.27 8.99 14.26
C VAL B 38 0.03 10.48 14.36
N ASP B 39 0.99 10.81 15.21
CA ASP B 39 1.48 12.19 15.30
C ASP B 39 2.97 12.22 14.94
N LEU B 40 3.40 13.32 14.33
CA LEU B 40 4.82 13.59 14.15
C LEU B 40 5.24 14.63 15.20
N LEU B 41 6.35 14.36 15.87
CA LEU B 41 6.81 15.15 17.00
C LEU B 41 8.13 15.87 16.72
N LYS B 42 8.23 17.12 17.16
CA LYS B 42 9.50 17.85 17.15
C LYS B 42 9.80 18.25 18.59
N ASN B 43 10.88 17.69 19.13
CA ASN B 43 11.25 17.91 20.53
C ASN B 43 10.09 17.57 21.49
N GLY B 44 9.36 16.51 21.15
CA GLY B 44 8.29 15.98 22.00
C GLY B 44 6.92 16.59 21.76
N GLU B 45 6.88 17.67 20.99
CA GLU B 45 5.63 18.38 20.78
C GLU B 45 5.10 18.12 19.38
N ARG B 46 3.80 17.84 19.33
CA ARG B 46 3.10 17.47 18.11
C ARG B 46 3.19 18.57 17.04
N ILE B 47 3.60 18.17 15.85
CA ILE B 47 3.61 19.07 14.68
C ILE B 47 2.18 19.20 14.13
N GLU B 48 1.76 20.43 13.82
CA GLU B 48 0.40 20.73 13.40
C GLU B 48 0.12 20.48 11.91
N LYS B 49 1.08 20.82 11.05
CA LYS B 49 0.88 20.74 9.60
C LYS B 49 1.20 19.32 9.09
N VAL B 50 0.37 18.33 9.46
CA VAL B 50 0.64 16.93 9.13
C VAL B 50 -0.45 16.30 8.26
N GLU B 51 -0.05 15.83 7.08
CA GLU B 51 -0.96 15.20 6.13
C GLU B 51 -0.73 13.70 6.11
N HIS B 52 -1.68 12.96 5.51
CA HIS B 52 -1.54 11.51 5.34
C HIS B 52 -2.15 10.99 4.05
N SER B 53 -1.72 9.81 3.63
CA SER B 53 -2.18 9.19 2.39
C SER B 53 -3.62 8.67 2.53
N ASP B 54 -4.23 8.28 1.42
CA ASP B 54 -5.55 7.67 1.48
C ASP B 54 -5.40 6.21 1.92
N LEU B 55 -6.14 5.81 2.95
CA LEU B 55 -6.14 4.43 3.45
C LEU B 55 -6.20 3.40 2.33
N SER B 56 -5.27 2.45 2.39
CA SER B 56 -5.25 1.34 1.46
C SER B 56 -4.71 0.13 2.20
N PHE B 57 -4.53 -1.00 1.52
CA PHE B 57 -4.15 -2.23 2.22
C PHE B 57 -3.38 -3.19 1.33
N SER B 58 -2.77 -4.20 1.96
CA SER B 58 -1.90 -5.19 1.31
C SER B 58 -2.70 -6.43 0.99
N LYS B 59 -2.07 -7.40 0.34
CA LYS B 59 -2.73 -8.66 0.00
C LYS B 59 -3.25 -9.46 1.21
N ASP B 60 -2.54 -9.39 2.34
CA ASP B 60 -3.01 -10.01 3.58
C ASP B 60 -4.07 -9.19 4.32
N TRP B 61 -4.59 -8.15 3.66
CA TRP B 61 -5.70 -7.32 4.15
C TRP B 61 -5.26 -6.29 5.20
N SER B 62 -3.98 -6.29 5.56
CA SER B 62 -3.52 -5.32 6.56
C SER B 62 -3.31 -3.95 5.91
N PHE B 63 -3.63 -2.90 6.69
CA PHE B 63 -3.62 -1.52 6.24
C PHE B 63 -2.26 -0.87 6.32
N TYR B 64 -2.10 0.18 5.50
CA TYR B 64 -0.93 1.03 5.58
C TYR B 64 -1.29 2.46 5.27
N LEU B 65 -0.53 3.38 5.85
CA LEU B 65 -0.70 4.80 5.71
C LEU B 65 0.66 5.49 5.81
N LEU B 66 0.81 6.56 5.06
CA LEU B 66 1.97 7.43 5.20
C LEU B 66 1.53 8.77 5.79
N TYR B 67 2.16 9.14 6.89
CA TYR B 67 2.04 10.48 7.47
C TYR B 67 3.31 11.25 7.15
N TYR B 68 3.19 12.54 6.88
CA TYR B 68 4.31 13.31 6.36
C TYR B 68 4.10 14.80 6.55
N THR B 69 5.21 15.49 6.77
CA THR B 69 5.24 16.93 6.94
C THR B 69 6.64 17.41 6.52
N GLU B 70 6.75 18.69 6.20
CA GLU B 70 8.05 19.32 5.95
C GLU B 70 8.84 19.48 7.25
N PHE B 71 10.13 19.18 7.22
CA PHE B 71 11.02 19.49 8.33
C PHE B 71 12.42 19.84 7.86
N THR B 72 13.22 20.40 8.78
CA THR B 72 14.62 20.67 8.51
C THR B 72 15.41 19.93 9.56
N PRO B 73 16.13 18.88 9.16
CA PRO B 73 16.98 18.23 10.13
C PRO B 73 18.04 19.20 10.66
N THR B 74 18.35 19.07 11.94
CA THR B 74 19.39 19.89 12.58
C THR B 74 20.21 18.99 13.50
N GLU B 75 21.27 19.59 14.04
CA GLU B 75 22.19 18.90 14.94
C GLU B 75 21.48 18.54 16.24
N LYS B 76 20.64 19.45 16.73
CA LYS B 76 20.08 19.36 18.08
C LYS B 76 18.64 18.84 18.18
N ASP B 77 17.77 19.24 17.24
CA ASP B 77 16.35 18.89 17.29
C ASP B 77 16.09 17.39 17.13
N GLU B 78 15.16 16.87 17.92
CA GLU B 78 14.81 15.46 17.85
C GLU B 78 13.43 15.29 17.23
N TYR B 79 13.36 14.46 16.20
CA TYR B 79 12.10 14.19 15.52
C TYR B 79 11.64 12.77 15.81
N ALA B 80 10.34 12.55 15.72
CA ALA B 80 9.79 11.25 16.09
C ALA B 80 8.38 11.07 15.53
N CYS B 81 7.96 9.81 15.50
CA CYS B 81 6.59 9.43 15.18
C CYS B 81 5.94 8.83 16.44
N ARG B 82 4.76 9.32 16.81
CA ARG B 82 3.99 8.72 17.89
C ARG B 82 2.75 7.99 17.35
N VAL B 83 2.68 6.69 17.62
CA VAL B 83 1.60 5.85 17.12
C VAL B 83 0.77 5.23 18.27
N ASN B 84 -0.55 5.36 18.19
CA ASN B 84 -1.42 4.62 19.09
C ASN B 84 -2.46 3.83 18.32
N HIS B 85 -2.82 2.67 18.88
CA HIS B 85 -3.64 1.68 18.22
C HIS B 85 -4.22 0.78 19.29
N VAL B 86 -5.41 0.22 19.04
CA VAL B 86 -6.07 -0.67 19.99
C VAL B 86 -5.12 -1.76 20.50
N THR B 87 -4.22 -2.21 19.64
CA THR B 87 -3.26 -3.26 19.98
C THR B 87 -2.12 -2.78 20.88
N LEU B 88 -2.02 -1.47 21.09
CA LEU B 88 -0.95 -0.92 21.91
C LEU B 88 -1.50 -0.46 23.26
N SER B 89 -0.86 -0.90 24.35
CA SER B 89 -1.24 -0.44 25.70
C SER B 89 -0.95 1.04 25.86
N GLN B 90 0.22 1.46 25.38
CA GLN B 90 0.57 2.89 25.35
C GLN B 90 1.19 3.30 24.01
N PRO B 91 1.11 4.61 23.67
CA PRO B 91 1.65 5.11 22.41
C PRO B 91 3.08 4.67 22.21
N LYS B 92 3.38 4.17 21.01
CA LYS B 92 4.75 3.84 20.66
C LYS B 92 5.38 5.05 19.97
N ILE B 93 6.53 5.46 20.51
CA ILE B 93 7.32 6.55 19.96
C ILE B 93 8.59 5.96 19.36
N VAL B 94 8.74 6.14 18.05
CA VAL B 94 9.94 5.74 17.33
C VAL B 94 10.66 7.02 16.94
N LYS B 95 11.94 7.13 17.32
CA LYS B 95 12.73 8.30 17.02
C LYS B 95 13.25 8.24 15.59
N TRP B 96 13.27 9.39 14.91
CA TRP B 96 13.98 9.51 13.66
C TRP B 96 15.50 9.41 13.88
N ASP B 97 16.14 8.63 13.01
CA ASP B 97 17.58 8.40 13.04
C ASP B 97 17.99 8.45 11.57
N ARG B 98 18.80 9.45 11.21
CA ARG B 98 19.19 9.69 9.81
C ARG B 98 19.96 8.53 9.17
N ASP B 99 20.43 7.59 10.01
CA ASP B 99 21.17 6.41 9.54
C ASP B 99 20.24 5.31 9.04
N MET B 100 18.93 5.49 9.23
CA MET B 100 17.93 4.53 8.72
C MET B 100 16.69 5.13 8.08
N GLU C 1 -11.31 2.47 -14.92
CA GLU C 1 -12.77 2.64 -14.71
C GLU C 1 -13.32 1.55 -13.79
N LEU C 2 -14.20 1.94 -12.86
CA LEU C 2 -14.82 1.01 -11.91
C LEU C 2 -15.78 0.06 -12.58
N ALA C 3 -15.94 -1.11 -11.96
CA ALA C 3 -16.98 -2.07 -12.27
C ALA C 3 -18.34 -1.50 -11.91
N GLY C 4 -19.36 -1.90 -12.64
CA GLY C 4 -20.74 -1.54 -12.30
C GLY C 4 -21.44 -2.78 -11.80
N LEU C 5 -21.88 -3.62 -12.75
CA LEU C 5 -22.43 -4.92 -12.42
C LEU C 5 -21.32 -5.89 -12.02
N GLY C 6 -21.67 -6.89 -11.23
CA GLY C 6 -20.70 -7.82 -10.66
C GLY C 6 -20.40 -7.49 -9.21
N ILE C 7 -20.77 -6.28 -8.80
CA ILE C 7 -20.53 -5.83 -7.44
C ILE C 7 -21.85 -5.95 -6.67
N ASN C 8 -22.06 -7.12 -6.06
CA ASN C 8 -23.33 -7.43 -5.40
C ASN C 8 -23.13 -7.54 -3.91
N THR C 9 -24.22 -7.32 -3.16
CA THR C 9 -24.18 -7.45 -1.73
C THR C 9 -24.00 -8.94 -1.30
N VAL C 10 -23.47 -9.20 -0.11
CA VAL C 10 -23.16 -10.59 0.26
C VAL C 10 -24.37 -11.41 0.73
#